data_1J54
#
_entry.id   1J54
#
_cell.length_a   60.8
_cell.length_b   60.8
_cell.length_c   111.1
_cell.angle_alpha   90.0
_cell.angle_beta   90.0
_cell.angle_gamma   90.0
#
_symmetry.space_group_name_H-M   'P 41 21 2'
#
loop_
_entity.id
_entity.type
_entity.pdbx_description
1 polymer 'DNA polymerase III, epsilon chain'
2 non-polymer 'MANGANESE (II) ION'
3 non-polymer "THYMIDINE-5'-PHOSPHATE"
4 non-polymer 1,2-ETHANEDIOL
5 water water
#
_entity_poly.entity_id   1
_entity_poly.type   'polypeptide(L)'
_entity_poly.pdbx_seq_one_letter_code
;MSTAITRQIVLDTETTGMNQIGAHYEGHKIIEIGAVEVVNRRLTGNNFHVYLKPDRLVDPEAFGVHGIADEFLLDKPTFA
EVADEFMDYIRGAELVIHNAAFDIGFMDYEFSLLKRDIPKTNTFCKVTDSLAVARKMFPGKRNSLDALCARYEIDNSKRT
LHGALLDAQILAEVYLAMTGGQTSMA
;
_entity_poly.pdbx_strand_id   A
#
loop_
_chem_comp.id
_chem_comp.type
_chem_comp.name
_chem_comp.formula
EDO non-polymer 1,2-ETHANEDIOL 'C2 H6 O2'
MN non-polymer 'MANGANESE (II) ION' 'Mn 2'
TMP non-polymer THYMIDINE-5'-PHOSPHATE 'C10 H15 N2 O8 P'
#
# COMPACT_ATOMS: atom_id res chain seq x y z
N ARG A 7 -10.17 12.84 6.61
CA ARG A 7 -9.16 12.61 5.53
C ARG A 7 -9.25 11.20 5.01
N GLN A 8 -8.96 11.02 3.72
CA GLN A 8 -8.93 9.70 3.11
C GLN A 8 -7.48 9.54 2.68
N ILE A 9 -6.87 8.41 3.04
CA ILE A 9 -5.49 8.16 2.65
C ILE A 9 -5.48 6.92 1.79
N VAL A 10 -5.12 7.08 0.52
CA VAL A 10 -5.05 5.96 -0.40
C VAL A 10 -3.63 5.45 -0.26
N LEU A 11 -3.49 4.18 0.12
CA LEU A 11 -2.18 3.61 0.39
C LEU A 11 -1.82 2.31 -0.30
N ASP A 12 -0.52 2.13 -0.53
CA ASP A 12 -0.02 0.91 -1.14
C ASP A 12 1.37 0.67 -0.59
N THR A 13 1.82 -0.58 -0.65
CA THR A 13 3.15 -0.93 -0.17
C THR A 13 3.77 -1.96 -1.10
N GLU A 14 5.10 -2.00 -1.12
CA GLU A 14 5.81 -3.01 -1.89
C GLU A 14 6.55 -3.79 -0.80
N THR A 15 6.77 -5.07 -1.03
CA THR A 15 7.43 -5.92 -0.03
C THR A 15 8.49 -6.81 -0.63
N THR A 16 9.12 -7.62 0.22
CA THR A 16 10.16 -8.54 -0.21
C THR A 16 9.52 -9.78 -0.82
N GLY A 17 8.19 -9.88 -0.69
CA GLY A 17 7.47 -11.03 -1.20
C GLY A 17 6.27 -11.34 -0.32
N MET A 18 5.82 -12.59 -0.36
CA MET A 18 4.67 -13.01 0.43
C MET A 18 4.60 -14.53 0.49
N ASN A 19 3.84 -15.06 1.45
CA ASN A 19 3.70 -16.51 1.61
C ASN A 19 2.35 -16.98 1.08
N GLN A 20 2.35 -18.14 0.43
CA GLN A 20 1.11 -18.70 -0.12
C GLN A 20 0.35 -19.52 0.92
N ILE A 21 1.02 -19.88 2.01
CA ILE A 21 0.42 -20.66 3.08
C ILE A 21 0.64 -19.94 4.41
N GLY A 22 -0.38 -19.94 5.27
CA GLY A 22 -0.26 -19.29 6.55
C GLY A 22 -0.29 -17.78 6.43
N ALA A 23 0.16 -17.09 7.47
CA ALA A 23 0.18 -15.62 7.45
C ALA A 23 1.04 -15.17 6.27
N HIS A 24 0.43 -14.43 5.35
CA HIS A 24 1.14 -13.98 4.15
C HIS A 24 2.38 -13.11 4.36
N TYR A 25 2.45 -12.43 5.49
CA TYR A 25 3.57 -11.52 5.79
C TYR A 25 4.72 -12.10 6.62
N GLU A 26 4.49 -13.24 7.26
CA GLU A 26 5.49 -13.86 8.10
C GLU A 26 6.86 -14.01 7.45
N GLY A 27 7.89 -13.44 8.07
CA GLY A 27 9.23 -13.54 7.52
C GLY A 27 9.55 -12.59 6.39
N HIS A 28 8.60 -11.74 6.01
CA HIS A 28 8.82 -10.78 4.94
C HIS A 28 8.85 -9.37 5.50
N LYS A 29 9.21 -8.40 4.67
CA LYS A 29 9.30 -7.01 5.11
C LYS A 29 8.78 -6.00 4.09
N ILE A 30 8.32 -4.86 4.60
CA ILE A 30 7.83 -3.80 3.73
C ILE A 30 9.09 -3.07 3.25
N ILE A 31 9.17 -2.77 1.95
CA ILE A 31 10.32 -2.05 1.43
C ILE A 31 9.97 -0.68 0.85
N GLU A 32 8.68 -0.41 0.72
CA GLU A 32 8.23 0.89 0.22
C GLU A 32 6.81 1.15 0.67
N ILE A 33 6.57 2.37 1.12
CA ILE A 33 5.23 2.80 1.54
C ILE A 33 4.88 4.04 0.73
N GLY A 34 3.70 4.04 0.13
CA GLY A 34 3.26 5.18 -0.65
C GLY A 34 1.84 5.48 -0.24
N ALA A 35 1.59 6.71 0.17
CA ALA A 35 0.26 7.10 0.61
C ALA A 35 -0.09 8.50 0.12
N VAL A 36 -1.32 8.64 -0.37
CA VAL A 36 -1.79 9.91 -0.93
C VAL A 36 -3.02 10.41 -0.18
N GLU A 37 -2.98 11.68 0.20
CA GLU A 37 -4.06 12.31 0.95
C GLU A 37 -5.16 12.90 0.07
N VAL A 38 -6.41 12.59 0.42
CA VAL A 38 -7.58 13.10 -0.30
C VAL A 38 -8.53 13.72 0.71
N VAL A 39 -8.89 14.98 0.51
CA VAL A 39 -9.82 15.66 1.40
C VAL A 39 -10.93 16.29 0.56
N ASN A 40 -12.17 16.02 0.93
CA ASN A 40 -13.31 16.53 0.19
C ASN A 40 -13.18 16.18 -1.29
N ARG A 41 -12.84 14.92 -1.55
CA ARG A 41 -12.69 14.39 -2.91
C ARG A 41 -11.64 15.08 -3.78
N ARG A 42 -10.63 15.67 -3.15
CA ARG A 42 -9.58 16.34 -3.90
C ARG A 42 -8.20 15.97 -3.34
N LEU A 43 -7.28 15.64 -4.23
CA LEU A 43 -5.92 15.30 -3.81
C LEU A 43 -5.34 16.58 -3.23
N THR A 44 -4.75 16.49 -2.05
CA THR A 44 -4.16 17.67 -1.41
C THR A 44 -2.71 17.89 -1.84
N GLY A 45 -2.05 16.80 -2.21
CA GLY A 45 -0.66 16.90 -2.62
C GLY A 45 0.31 16.61 -1.49
N ASN A 46 -0.20 16.51 -0.27
CA ASN A 46 0.63 16.21 0.89
C ASN A 46 0.61 14.71 1.10
N ASN A 47 1.63 14.04 0.58
CA ASN A 47 1.72 12.59 0.62
C ASN A 47 2.81 12.08 1.56
N PHE A 48 2.92 10.75 1.63
CA PHE A 48 3.92 10.09 2.46
C PHE A 48 4.58 9.04 1.55
N HIS A 49 5.90 9.08 1.45
CA HIS A 49 6.58 8.13 0.58
C HIS A 49 7.98 7.79 1.10
N VAL A 50 8.18 6.54 1.46
CA VAL A 50 9.48 6.10 1.95
C VAL A 50 9.87 4.72 1.44
N TYR A 51 11.17 4.52 1.27
CA TYR A 51 11.74 3.24 0.89
C TYR A 51 12.38 2.78 2.18
N LEU A 52 12.30 1.48 2.48
CA LEU A 52 12.84 0.97 3.72
C LEU A 52 13.87 -0.14 3.56
N LYS A 53 14.80 -0.21 4.51
CA LYS A 53 15.84 -1.23 4.52
C LYS A 53 15.26 -2.47 5.21
N PRO A 54 15.09 -3.57 4.47
CA PRO A 54 14.53 -4.81 5.01
C PRO A 54 15.45 -5.74 5.78
N ASP A 55 16.75 -5.61 5.58
CA ASP A 55 17.70 -6.48 6.28
C ASP A 55 17.47 -7.96 5.93
N ARG A 56 16.98 -8.17 4.71
CA ARG A 56 16.74 -9.50 4.15
C ARG A 56 16.64 -9.28 2.65
N LEU A 57 16.77 -10.34 1.87
CA LEU A 57 16.71 -10.19 0.42
C LEU A 57 15.29 -10.16 -0.14
N VAL A 58 15.14 -9.52 -1.30
CA VAL A 58 13.85 -9.45 -1.97
C VAL A 58 13.73 -10.73 -2.79
N ASP A 59 12.60 -11.41 -2.69
CA ASP A 59 12.42 -12.64 -3.45
C ASP A 59 12.30 -12.33 -4.94
N PRO A 60 12.82 -13.23 -5.79
CA PRO A 60 12.79 -13.06 -7.25
C PRO A 60 11.42 -12.67 -7.80
N GLU A 61 10.37 -13.34 -7.32
CA GLU A 61 9.03 -13.04 -7.79
C GLU A 61 8.66 -11.57 -7.50
N ALA A 62 8.96 -11.13 -6.29
CA ALA A 62 8.69 -9.75 -5.90
C ALA A 62 9.48 -8.78 -6.76
N PHE A 63 10.75 -9.09 -6.99
CA PHE A 63 11.59 -8.24 -7.81
C PHE A 63 11.04 -8.12 -9.22
N GLY A 64 10.42 -9.20 -9.70
CA GLY A 64 9.86 -9.17 -11.03
C GLY A 64 8.67 -8.23 -11.13
N VAL A 65 8.12 -7.88 -9.98
CA VAL A 65 6.97 -6.98 -9.93
C VAL A 65 7.31 -5.50 -9.78
N HIS A 66 8.19 -5.18 -8.82
CA HIS A 66 8.56 -3.79 -8.57
C HIS A 66 9.95 -3.37 -9.03
N GLY A 67 10.81 -4.35 -9.30
CA GLY A 67 12.16 -4.04 -9.75
C GLY A 67 13.03 -3.29 -8.77
N ILE A 68 12.68 -3.31 -7.48
CA ILE A 68 13.48 -2.62 -6.47
C ILE A 68 14.64 -3.53 -6.06
N ALA A 69 15.86 -3.10 -6.37
CA ALA A 69 17.05 -3.88 -6.06
C ALA A 69 17.48 -3.81 -4.59
N ASP A 70 18.05 -4.91 -4.10
CA ASP A 70 18.51 -4.99 -2.71
C ASP A 70 19.49 -3.88 -2.39
N GLU A 71 20.39 -3.59 -3.33
CA GLU A 71 21.41 -2.56 -3.14
C GLU A 71 20.84 -1.17 -2.90
N PHE A 72 19.71 -0.88 -3.53
CA PHE A 72 19.06 0.43 -3.40
C PHE A 72 18.50 0.69 -2.00
N LEU A 73 18.21 -0.37 -1.27
CA LEU A 73 17.63 -0.23 0.07
C LEU A 73 18.64 -0.17 1.21
N LEU A 74 19.89 -0.49 0.92
CA LEU A 74 20.95 -0.52 1.93
C LEU A 74 21.11 0.76 2.75
N ASP A 75 20.91 1.92 2.14
CA ASP A 75 21.08 3.18 2.86
C ASP A 75 19.77 3.81 3.34
N LYS A 76 18.67 3.07 3.22
CA LYS A 76 17.37 3.58 3.62
C LYS A 76 17.06 3.39 5.10
N PRO A 77 16.05 4.13 5.61
CA PRO A 77 15.64 4.04 7.01
C PRO A 77 14.95 2.70 7.26
N THR A 78 14.87 2.30 8.52
CA THR A 78 14.19 1.06 8.86
C THR A 78 12.75 1.44 9.15
N PHE A 79 11.87 0.46 9.22
CA PHE A 79 10.47 0.72 9.52
C PHE A 79 10.38 1.43 10.87
N ALA A 80 11.20 1.00 11.83
CA ALA A 80 11.18 1.60 13.15
C ALA A 80 11.45 3.10 13.12
N GLU A 81 12.30 3.54 12.20
CA GLU A 81 12.66 4.94 12.08
C GLU A 81 11.61 5.83 11.44
N VAL A 82 10.64 5.23 10.75
CA VAL A 82 9.60 6.01 10.09
C VAL A 82 8.23 5.77 10.71
N ALA A 83 8.13 4.77 11.59
CA ALA A 83 6.87 4.40 12.22
C ALA A 83 6.09 5.52 12.89
N ASP A 84 6.77 6.36 13.66
CA ASP A 84 6.07 7.44 14.33
C ASP A 84 5.41 8.41 13.36
N GLU A 85 6.16 8.92 12.40
CA GLU A 85 5.61 9.86 11.42
C GLU A 85 4.54 9.19 10.59
N PHE A 86 4.73 7.90 10.29
CA PHE A 86 3.78 7.14 9.50
C PHE A 86 2.45 7.09 10.25
N MET A 87 2.50 6.79 11.54
CA MET A 87 1.28 6.74 12.33
C MET A 87 0.64 8.13 12.43
N ASP A 88 1.47 9.18 12.56
CA ASP A 88 0.93 10.54 12.64
C ASP A 88 0.19 10.90 11.37
N TYR A 89 0.68 10.37 10.24
CA TYR A 89 0.07 10.65 8.94
C TYR A 89 -1.26 9.96 8.72
N ILE A 90 -1.34 8.68 9.08
CA ILE A 90 -2.57 7.91 8.84
C ILE A 90 -3.64 7.94 9.93
N ARG A 91 -3.25 8.23 11.17
CA ARG A 91 -4.20 8.22 12.28
C ARG A 91 -5.54 8.90 12.00
N GLY A 92 -6.62 8.19 12.32
CA GLY A 92 -7.97 8.71 12.15
C GLY A 92 -8.54 8.79 10.76
N ALA A 93 -7.73 8.52 9.74
CA ALA A 93 -8.20 8.59 8.37
C ALA A 93 -8.86 7.31 7.91
N GLU A 94 -9.51 7.39 6.75
CA GLU A 94 -10.11 6.21 6.15
C GLU A 94 -9.04 5.76 5.17
N LEU A 95 -8.45 4.59 5.43
CA LEU A 95 -7.43 4.06 4.55
C LEU A 95 -8.11 3.35 3.39
N VAL A 96 -7.71 3.69 2.17
CA VAL A 96 -8.27 3.05 0.98
C VAL A 96 -7.14 2.25 0.36
N ILE A 97 -7.27 0.94 0.37
CA ILE A 97 -6.25 0.04 -0.14
C ILE A 97 -6.84 -1.06 -1.03
N HIS A 98 -6.18 -1.36 -2.14
CA HIS A 98 -6.65 -2.40 -3.04
C HIS A 98 -6.18 -3.75 -2.49
N ASN A 99 -7.12 -4.50 -1.93
CA ASN A 99 -6.85 -5.79 -1.28
C ASN A 99 -6.24 -5.43 0.07
N ALA A 100 -6.98 -4.59 0.81
CA ALA A 100 -6.57 -4.08 2.11
C ALA A 100 -5.91 -5.06 3.07
N ALA A 101 -6.46 -6.27 3.18
CA ALA A 101 -5.90 -7.27 4.09
C ALA A 101 -4.42 -7.53 3.87
N PHE A 102 -3.97 -7.39 2.63
CA PHE A 102 -2.57 -7.61 2.32
C PHE A 102 -1.68 -6.59 3.02
N ASP A 103 -1.90 -5.31 2.70
CA ASP A 103 -1.11 -4.22 3.26
C ASP A 103 -1.30 -4.04 4.76
N ILE A 104 -2.54 -4.16 5.23
CA ILE A 104 -2.80 -4.02 6.66
C ILE A 104 -2.07 -5.12 7.42
N GLY A 105 -2.05 -6.31 6.83
CA GLY A 105 -1.37 -7.43 7.46
C GLY A 105 0.10 -7.11 7.66
N PHE A 106 0.73 -6.57 6.62
CA PHE A 106 2.13 -6.21 6.69
C PHE A 106 2.36 -5.06 7.65
N MET A 107 1.46 -4.07 7.63
CA MET A 107 1.60 -2.94 8.54
C MET A 107 1.51 -3.37 10.01
N ASP A 108 0.50 -4.15 10.35
CA ASP A 108 0.35 -4.59 11.74
C ASP A 108 1.52 -5.50 12.15
N TYR A 109 2.01 -6.28 11.20
CA TYR A 109 3.14 -7.17 11.45
C TYR A 109 4.36 -6.33 11.81
N GLU A 110 4.68 -5.36 10.97
CA GLU A 110 5.83 -4.48 11.20
C GLU A 110 5.65 -3.66 12.47
N PHE A 111 4.43 -3.21 12.75
CA PHE A 111 4.19 -2.45 13.96
C PHE A 111 4.42 -3.32 15.19
N SER A 112 4.00 -4.58 15.11
CA SER A 112 4.16 -5.51 16.22
C SER A 112 5.62 -5.83 16.54
N LEU A 113 6.46 -5.86 15.51
CA LEU A 113 7.88 -6.16 15.72
C LEU A 113 8.60 -5.07 16.51
N LEU A 114 7.98 -3.89 16.60
CA LEU A 114 8.59 -2.78 17.33
C LEU A 114 8.52 -2.96 18.84
N LYS A 115 7.64 -3.86 19.29
CA LYS A 115 7.47 -4.12 20.72
C LYS A 115 7.12 -2.85 21.48
N ARG A 116 6.18 -2.07 20.94
CA ARG A 116 5.77 -0.82 21.57
C ARG A 116 4.28 -0.85 21.93
N ASP A 117 3.68 -2.04 21.89
CA ASP A 117 2.27 -2.21 22.21
C ASP A 117 1.37 -1.39 21.31
N ILE A 118 1.76 -1.24 20.05
CA ILE A 118 0.96 -0.48 19.10
C ILE A 118 -0.29 -1.28 18.75
N PRO A 119 -1.49 -0.67 18.88
CA PRO A 119 -2.74 -1.36 18.57
C PRO A 119 -2.90 -1.64 17.09
N LYS A 120 -3.85 -2.51 16.75
CA LYS A 120 -4.10 -2.83 15.35
C LYS A 120 -4.52 -1.58 14.58
N THR A 121 -4.11 -1.49 13.34
CA THR A 121 -4.43 -0.34 12.50
C THR A 121 -5.92 -0.02 12.45
N ASN A 122 -6.76 -1.04 12.32
CA ASN A 122 -8.19 -0.80 12.24
C ASN A 122 -8.82 -0.30 13.53
N THR A 123 -8.02 -0.07 14.56
CA THR A 123 -8.54 0.44 15.83
C THR A 123 -8.37 1.95 15.88
N PHE A 124 -7.53 2.50 15.00
CA PHE A 124 -7.34 3.95 14.96
C PHE A 124 -7.52 4.52 13.55
N CYS A 125 -7.84 3.63 12.61
CA CYS A 125 -8.09 3.98 11.21
C CYS A 125 -9.28 3.19 10.68
N LYS A 126 -10.03 3.78 9.76
CA LYS A 126 -11.14 3.05 9.14
C LYS A 126 -10.44 2.41 7.93
N VAL A 127 -10.76 1.16 7.64
CA VAL A 127 -10.12 0.49 6.50
C VAL A 127 -11.11 0.10 5.42
N THR A 128 -10.89 0.61 4.22
CA THR A 128 -11.76 0.30 3.09
C THR A 128 -10.98 -0.48 2.04
N ASP A 129 -11.50 -1.65 1.68
CA ASP A 129 -10.85 -2.49 0.67
C ASP A 129 -11.46 -2.10 -0.66
N SER A 130 -10.71 -1.34 -1.47
CA SER A 130 -11.23 -0.90 -2.76
C SER A 130 -11.42 -2.04 -3.76
N LEU A 131 -10.81 -3.19 -3.50
CA LEU A 131 -10.97 -4.34 -4.38
C LEU A 131 -12.32 -4.97 -4.11
N ALA A 132 -12.73 -4.97 -2.84
CA ALA A 132 -14.03 -5.52 -2.47
C ALA A 132 -15.08 -4.58 -3.03
N VAL A 133 -14.82 -3.28 -2.96
CA VAL A 133 -15.75 -2.28 -3.48
C VAL A 133 -15.92 -2.47 -4.99
N ALA A 134 -14.81 -2.67 -5.68
CA ALA A 134 -14.84 -2.86 -7.14
C ALA A 134 -15.55 -4.16 -7.50
N ARG A 135 -15.28 -5.23 -6.76
CA ARG A 135 -15.93 -6.50 -7.03
C ARG A 135 -17.43 -6.40 -6.84
N LYS A 136 -17.86 -5.58 -5.89
CA LYS A 136 -19.28 -5.41 -5.64
C LYS A 136 -19.94 -4.63 -6.77
N MET A 137 -19.23 -3.63 -7.30
CA MET A 137 -19.76 -2.79 -8.36
C MET A 137 -19.66 -3.47 -9.73
N PHE A 138 -18.66 -4.32 -9.89
CA PHE A 138 -18.43 -5.03 -11.14
C PHE A 138 -18.30 -6.53 -10.94
N PRO A 139 -19.36 -7.17 -10.43
CA PRO A 139 -19.29 -8.61 -10.19
C PRO A 139 -19.06 -9.40 -11.49
N GLY A 140 -18.23 -10.44 -11.39
CA GLY A 140 -17.95 -11.27 -12.54
C GLY A 140 -17.02 -10.66 -13.57
N LYS A 141 -16.38 -9.54 -13.22
CA LYS A 141 -15.47 -8.86 -14.15
C LYS A 141 -14.06 -8.81 -13.54
N ARG A 142 -13.08 -8.46 -14.36
CA ARG A 142 -11.71 -8.32 -13.87
C ARG A 142 -11.67 -7.07 -13.02
N ASN A 143 -11.03 -7.16 -11.85
CA ASN A 143 -10.97 -5.99 -10.98
C ASN A 143 -9.60 -5.65 -10.42
N SER A 144 -8.56 -6.04 -11.13
CA SER A 144 -7.20 -5.71 -10.72
C SER A 144 -7.10 -4.19 -10.92
N LEU A 145 -6.11 -3.57 -10.30
CA LEU A 145 -5.93 -2.13 -10.45
C LEU A 145 -5.78 -1.78 -11.92
N ASP A 146 -5.05 -2.59 -12.68
CA ASP A 146 -4.88 -2.31 -14.10
C ASP A 146 -6.19 -2.39 -14.87
N ALA A 147 -7.03 -3.37 -14.53
CA ALA A 147 -8.32 -3.51 -15.19
C ALA A 147 -9.19 -2.30 -14.90
N LEU A 148 -9.10 -1.79 -13.67
CA LEU A 148 -9.88 -0.62 -13.28
C LEU A 148 -9.37 0.63 -13.97
N CYS A 149 -8.08 0.66 -14.28
CA CYS A 149 -7.50 1.81 -14.97
C CYS A 149 -8.08 1.93 -16.37
N ALA A 150 -8.25 0.78 -17.02
CA ALA A 150 -8.81 0.75 -18.37
C ALA A 150 -10.29 1.13 -18.29
N ARG A 151 -10.97 0.59 -17.29
CA ARG A 151 -12.39 0.85 -17.11
C ARG A 151 -12.68 2.34 -16.88
N TYR A 152 -11.81 3.01 -16.12
CA TYR A 152 -12.01 4.42 -15.84
C TYR A 152 -11.08 5.36 -16.60
N GLU A 153 -10.42 4.84 -17.61
CA GLU A 153 -9.51 5.63 -18.44
C GLU A 153 -8.45 6.39 -17.65
N ILE A 154 -7.82 5.70 -16.71
CA ILE A 154 -6.75 6.28 -15.90
C ILE A 154 -5.42 5.80 -16.48
N ASP A 155 -4.45 6.71 -16.60
CA ASP A 155 -3.15 6.36 -17.17
C ASP A 155 -2.25 5.49 -16.30
N ASN A 156 -1.91 4.31 -16.81
CA ASN A 156 -1.04 3.38 -16.10
C ASN A 156 0.08 2.96 -17.04
N SER A 157 0.38 3.82 -18.01
CA SER A 157 1.42 3.55 -19.01
C SER A 157 2.81 3.54 -18.40
N LYS A 158 2.98 4.24 -17.28
CA LYS A 158 4.28 4.29 -16.61
C LYS A 158 4.37 3.20 -15.55
N ARG A 159 3.42 2.28 -15.57
CA ARG A 159 3.40 1.22 -14.58
C ARG A 159 3.86 -0.16 -15.06
N THR A 160 4.93 -0.21 -15.84
CA THR A 160 5.43 -1.50 -16.31
C THR A 160 5.84 -2.25 -15.04
N LEU A 161 6.52 -1.52 -14.16
CA LEU A 161 6.94 -2.06 -12.88
C LEU A 161 6.11 -1.31 -11.84
N HIS A 162 5.61 -2.03 -10.85
CA HIS A 162 4.78 -1.43 -9.82
C HIS A 162 5.63 -0.62 -8.82
N GLY A 163 5.02 0.42 -8.26
CA GLY A 163 5.70 1.25 -7.28
C GLY A 163 4.64 1.63 -6.25
N ALA A 164 5.02 1.71 -4.97
CA ALA A 164 4.04 2.05 -3.95
C ALA A 164 3.36 3.40 -4.14
N LEU A 165 4.13 4.45 -4.35
CA LEU A 165 3.53 5.78 -4.54
C LEU A 165 2.83 5.81 -5.90
N LEU A 166 3.47 5.22 -6.90
CA LEU A 166 2.90 5.16 -8.24
C LEU A 166 1.52 4.48 -8.18
N ASP A 167 1.47 3.33 -7.50
CA ASP A 167 0.24 2.57 -7.37
C ASP A 167 -0.82 3.29 -6.52
N ALA A 168 -0.38 3.98 -5.49
CA ALA A 168 -1.31 4.70 -4.62
C ALA A 168 -1.96 5.86 -5.38
N GLN A 169 -1.16 6.56 -6.18
CA GLN A 169 -1.65 7.69 -6.98
C GLN A 169 -2.68 7.20 -7.99
N ILE A 170 -2.36 6.11 -8.67
CA ILE A 170 -3.28 5.55 -9.65
C ILE A 170 -4.57 5.10 -8.97
N LEU A 171 -4.45 4.41 -7.84
CA LEU A 171 -5.64 3.96 -7.11
C LEU A 171 -6.48 5.14 -6.66
N ALA A 172 -5.82 6.24 -6.27
CA ALA A 172 -6.56 7.41 -5.82
C ALA A 172 -7.45 7.90 -6.96
N GLU A 173 -6.89 8.01 -8.16
CA GLU A 173 -7.65 8.45 -9.32
C GLU A 173 -8.78 7.48 -9.62
N VAL A 174 -8.47 6.18 -9.58
CA VAL A 174 -9.46 5.15 -9.84
C VAL A 174 -10.60 5.20 -8.82
N TYR A 175 -10.24 5.25 -7.53
CA TYR A 175 -11.25 5.27 -6.48
C TYR A 175 -12.13 6.50 -6.53
N LEU A 176 -11.55 7.65 -6.86
CA LEU A 176 -12.34 8.88 -6.93
C LEU A 176 -13.36 8.73 -8.06
N ALA A 177 -12.94 8.14 -9.16
CA ALA A 177 -13.84 7.92 -10.30
C ALA A 177 -14.90 6.88 -9.97
N MET A 178 -14.49 5.83 -9.27
CA MET A 178 -15.42 4.76 -8.89
C MET A 178 -16.52 5.28 -7.98
N THR A 179 -16.16 6.22 -7.10
CA THR A 179 -17.11 6.80 -6.16
C THR A 179 -17.61 8.17 -6.64
N GLY A 180 -17.30 8.51 -7.88
CA GLY A 180 -17.72 9.80 -8.43
C GLY A 180 -18.87 9.69 -9.42
MN MN B . 2.10 -1.85 -5.51
MN MN C . -0.74 -3.22 -3.51
P TMP D . 1.44 -4.59 -5.73
P TMP D . 0.48 -5.09 -5.15
O1P TMP D . 0.29 -5.42 -6.43
O1P TMP D . -0.80 -5.52 -4.30
O2P TMP D . 2.44 -3.91 -6.90
O2P TMP D . 0.13 -5.26 -6.79
O3P TMP D . 0.88 -3.36 -4.80
O3P TMP D . 0.89 -3.52 -4.89
O5' TMP D . 1.94 -5.81 -4.88
O5' TMP D . 1.41 -6.12 -4.41
C5' TMP D . 3.11 -5.45 -4.17
C5' TMP D . 2.61 -5.57 -3.85
C4' TMP D . 3.76 -6.53 -3.32
C4' TMP D . 3.48 -6.62 -3.16
O4' TMP D . 3.07 -7.81 -3.35
O4' TMP D . 2.93 -7.96 -3.22
C3' TMP D . 5.11 -6.75 -3.91
C3' TMP D . 4.83 -6.65 -3.82
O3' TMP D . 6.01 -5.76 -3.50
O3' TMP D . 5.67 -5.64 -3.35
C2' TMP D . 5.44 -8.16 -3.52
C2' TMP D . 5.30 -8.06 -3.56
C1' TMP D . 4.07 -8.86 -3.49
C1' TMP D . 4.01 -8.88 -3.48
N1 TMP D . 3.76 -9.63 -4.76
N1 TMP D . 3.73 -9.65 -4.78
C2 TMP D . 4.36 -10.92 -4.92
C2 TMP D . 4.36 -10.92 -4.93
O2 TMP D . 5.11 -11.47 -4.12
O2 TMP D . 5.11 -11.46 -4.13
N3 TMP D . 4.06 -11.58 -6.12
N3 TMP D . 4.09 -11.59 -6.14
C4 TMP D . 3.24 -11.11 -7.17
C4 TMP D . 3.25 -11.13 -7.19
O4 TMP D . 3.08 -11.82 -8.16
O4 TMP D . 3.12 -11.85 -8.18
C5 TMP D . 2.65 -9.78 -6.95
C5 TMP D . 2.63 -9.83 -6.97
C5M TMP D . 1.75 -9.14 -7.99
C5M TMP D . 1.72 -9.21 -8.02
C6 TMP D . 2.92 -9.10 -5.80
C6 TMP D . 2.87 -9.14 -5.81
C1 EDO E . -11.47 5.21 13.16
O1 EDO E . -11.41 6.64 13.24
C2 EDO E . -11.67 4.62 14.56
O2 EDO E . -11.77 3.21 14.38
C1 EDO F . -12.72 13.84 5.13
O1 EDO F . -11.40 14.21 4.68
C2 EDO F . -12.85 14.13 6.63
O2 EDO F . -12.71 12.87 7.32
C1 EDO G . -1.07 -8.69 -3.54
O1 EDO G . 0.35 -8.93 -3.45
C2 EDO G . -1.74 -10.04 -3.84
O2 EDO G . -1.53 -10.88 -2.69
#